data_9H2K
#
_entry.id   9H2K
#
_cell.length_a   1.00
_cell.length_b   1.00
_cell.length_c   1.00
_cell.angle_alpha   90.00
_cell.angle_beta   90.00
_cell.angle_gamma   90.00
#
_symmetry.space_group_name_H-M   'P 1'
#
loop_
_entity.id
_entity.type
_entity.pdbx_description
1 polymer 'Protein Ac66'
2 polymer 'Protein Ac102'
3 polymer 'Protein C42'
#
loop_
_entity_poly.entity_id
_entity_poly.type
_entity_poly.pdbx_seq_one_letter_code
_entity_poly.pdbx_strand_id
1 'polypeptide(L)'
;MQRWPKYGGTDVNTRTVHDLLNTINTMSARIKTLERYEHALREIHKVVVILKPSANTHSFEPDALPALIMQFLSDFAGRD
INTLTHNINYKYDYNYPPAPVPAMQPPPPPPQPPAPPQPPYYNNYPYYPPYPFSTPPPTQPPESNVAGVGGSQSLNQITL
TNEEESELAALFKNMQTNMTWELVQNFVEVLIRIVRVHVVNNVTMINVISSITSVRTLIDYNFTEFIRCVYQKTNIRFAI
DQYLCTNIVTFIDFFTRVFYLVMRTNFQFTTFDQLTQYSNELYTRIQTSILQSAAPLSPPTVETVNSDIVISNLQEQLKR
ERALMQQISEQHRIANERVETLQSQYDELDLKYKEIFEDKSEFAQQKSENVRKIKQLERSNKELNDTVQKLRDENAERLS
EIQLQKGDLDEYKNMNRQLNEDIYKLKRRIESTFDKDYVETLNDKIESLEKQLDDKQNLNRELRSSISKIDETTQRYKLD
AKDIMELKQSVSIKDQEIAMKNAQYLELSAIYQQTVNELTATKNELSQVATTNQSLFAENEESKVLLEGTLAFIDSFYQI
IMQIEKPDYVPISKPQLTAQESIYQTDYIKDWLQKLRSKLSNADVANLQSVSELSDLKSQIISIVPRNIVNRILKENYKV
KVENVNAELLESVAVTSAVSALVQQYERSEKQNVKLRQEFEIKLNDLQRLLEQNQTDFESISEFISRDPAFNRNLNDERF
QNLRQQYDEMSSKYSALETTKIKEMESIADQAVKSEMSKLNTQLDELNSLFVKYNRKAQDIFEWKTSMLKRYETLARTTA
ASVQPNVE
;
A,B
2 'polypeptide(L)'
;MIASINDTDMDTDDNMSQARRNRRNRPPARPSAQTQMAAVDMLQTINTAASQTAASLLINDITPNKTESLKILSTQSVGA
RSLLEPMQANASTIKLNRIETVNVLDFLGSVYDNTIQVIVTE
;
C,E
3 'polypeptide(L)'
;MSAIALYLEINKLRLKIDEPMQLAIWPQLFPLLCDEHQSVQLNTDVLINFMMHVARKSQNTILNNNAAIASQYAAGNADV
VAAPASAQPTPRPVINLFARANAAAPAQPSEELINMRRYRNAARKLIHHYSLNSTSSTEYKISDVVMTMIFLLRSEKYHS
LFKLLETTFDDYTCRPQMTQVQTDTLLDAVRSLLEMPSTTIDLTTVDIMRSSFARCFNSPIMRYAKIVLLQNVALQRDKR
TTLEELLIERGEKIQMLQPQQYINSGTEIPFCDDAEFLNRLLKHIDPYPLSRMYYNAANTMFYTTMENYAVSNCKFNIED
YNNIFKVMENIRKHSNKNSNDQDELNIYLGVQSSNAKRKKY
;
D,F
#
# COMPACT_ATOMS: atom_id res chain seq x y z
N TRP A 4 1.63 3.49 23.58
CA TRP A 4 1.02 3.56 22.26
C TRP A 4 2.04 3.98 21.21
N PRO A 5 1.74 3.68 19.94
CA PRO A 5 2.44 4.38 18.86
C PRO A 5 2.15 5.86 18.97
N LYS A 6 3.04 6.67 18.41
CA LYS A 6 2.86 8.12 18.48
C LYS A 6 3.19 8.77 17.14
N TYR A 7 2.46 9.82 16.83
CA TYR A 7 2.79 10.73 15.73
C TYR A 7 3.08 12.10 16.33
N GLY A 8 4.33 12.53 16.23
CA GLY A 8 4.70 13.79 16.81
C GLY A 8 4.48 13.74 18.31
N GLY A 9 3.54 14.53 18.81
CA GLY A 9 3.19 14.53 20.21
C GLY A 9 1.87 13.88 20.53
N THR A 10 1.22 13.21 19.58
CA THR A 10 -0.11 12.66 19.77
C THR A 10 -0.05 11.14 19.82
N ASP A 11 -0.68 10.57 20.85
CA ASP A 11 -0.80 9.12 20.95
C ASP A 11 -1.75 8.60 19.89
N VAL A 12 -1.41 7.46 19.30
CA VAL A 12 -2.18 6.84 18.25
C VAL A 12 -3.00 5.71 18.87
N ASN A 13 -4.31 5.88 18.90
CA ASN A 13 -5.19 4.86 19.43
C ASN A 13 -6.60 5.12 18.92
N THR A 14 -7.53 4.28 19.35
CA THR A 14 -8.90 4.36 18.82
C THR A 14 -9.51 5.73 19.09
N ARG A 15 -9.35 6.24 20.31
CA ARG A 15 -10.03 7.48 20.68
C ARG A 15 -9.49 8.66 19.88
N THR A 16 -8.16 8.71 19.68
CA THR A 16 -7.57 9.79 18.91
C THR A 16 -8.15 9.83 17.50
N VAL A 17 -8.20 8.67 16.84
CA VAL A 17 -8.75 8.60 15.50
C VAL A 17 -10.22 9.02 15.51
N HIS A 18 -10.98 8.56 16.51
CA HIS A 18 -12.39 8.92 16.58
C HIS A 18 -12.57 10.43 16.69
N ASP A 19 -11.77 11.09 17.54
CA ASP A 19 -11.88 12.54 17.68
C ASP A 19 -11.51 13.24 16.39
N LEU A 20 -10.41 12.82 15.75
CA LEU A 20 -10.00 13.45 14.51
C LEU A 20 -11.08 13.26 13.45
N LEU A 21 -11.74 12.10 13.44
CA LEU A 21 -12.79 11.84 12.47
C LEU A 21 -14.02 12.69 12.74
N ASN A 22 -14.34 12.93 14.01
CA ASN A 22 -15.46 13.83 14.31
C ASN A 22 -15.16 15.23 13.79
N THR A 23 -13.95 15.71 14.02
CA THR A 23 -13.58 17.03 13.52
C THR A 23 -13.68 17.07 12.00
N ILE A 24 -13.17 16.04 11.34
CA ILE A 24 -13.21 15.99 9.87
C ILE A 24 -14.65 15.96 9.40
N ASN A 25 -15.52 15.23 10.09
CA ASN A 25 -16.92 15.16 9.69
C ASN A 25 -17.55 16.54 9.69
N THR A 26 -17.46 17.24 10.83
CA THR A 26 -18.08 18.55 10.91
C THR A 26 -17.48 19.49 9.88
N MET A 27 -16.15 19.43 9.71
CA MET A 27 -15.49 20.36 8.81
C MET A 27 -15.84 20.08 7.36
N SER A 28 -16.01 18.80 7.00
CA SER A 28 -16.43 18.46 5.65
C SER A 28 -17.83 18.95 5.37
N ALA A 29 -18.73 18.83 6.36
CA ALA A 29 -20.07 19.39 6.18
C ALA A 29 -19.99 20.90 5.97
N ARG A 30 -19.14 21.57 6.74
CA ARG A 30 -18.99 23.01 6.59
C ARG A 30 -18.47 23.36 5.19
N ILE A 31 -17.49 22.59 4.70
CA ILE A 31 -16.95 22.84 3.37
C ILE A 31 -18.02 22.66 2.31
N LYS A 32 -18.86 21.63 2.46
CA LYS A 32 -19.94 21.46 1.49
C LYS A 32 -20.89 22.64 1.50
N THR A 33 -21.27 23.12 2.68
CA THR A 33 -22.17 24.27 2.74
C THR A 33 -21.54 25.49 2.08
N LEU A 34 -20.26 25.72 2.33
CA LEU A 34 -19.60 26.89 1.77
C LEU A 34 -19.43 26.77 0.25
N GLU A 35 -19.17 25.56 -0.24
CA GLU A 35 -19.11 25.36 -1.68
C GLU A 35 -20.47 25.61 -2.31
N ARG A 36 -21.53 25.19 -1.63
CA ARG A 36 -22.88 25.51 -2.08
C ARG A 36 -23.08 27.02 -2.18
N TYR A 37 -22.59 27.76 -1.20
CA TYR A 37 -22.70 29.22 -1.23
C TYR A 37 -21.94 29.79 -2.42
N GLU A 38 -20.74 29.27 -2.70
CA GLU A 38 -19.99 29.73 -3.86
C GLU A 38 -20.77 29.49 -5.15
N HIS A 39 -21.36 28.30 -5.27
CA HIS A 39 -22.17 28.00 -6.45
C HIS A 39 -23.34 28.97 -6.58
N ALA A 40 -23.99 29.28 -5.45
CA ALA A 40 -25.09 30.24 -5.48
C ALA A 40 -24.62 31.61 -5.95
N LEU A 41 -23.46 32.05 -5.47
CA LEU A 41 -22.92 33.33 -5.94
C LEU A 41 -22.62 33.30 -7.42
N ARG A 42 -22.10 32.20 -7.92
CA ARG A 42 -21.85 32.09 -9.36
C ARG A 42 -23.16 32.21 -10.15
N GLU A 43 -24.22 31.56 -9.67
CA GLU A 43 -25.51 31.67 -10.35
C GLU A 43 -26.03 33.11 -10.31
N ILE A 44 -25.89 33.77 -9.16
CA ILE A 44 -26.32 35.15 -9.03
C ILE A 44 -25.55 36.03 -10.01
N HIS A 45 -24.25 35.78 -10.13
CA HIS A 45 -23.43 36.54 -11.07
C HIS A 45 -23.93 36.35 -12.50
N LYS A 46 -24.27 35.12 -12.88
CA LYS A 46 -24.77 34.90 -14.23
C LYS A 46 -26.09 35.63 -14.46
N VAL A 47 -26.95 35.66 -13.43
CA VAL A 47 -28.19 36.45 -13.54
C VAL A 47 -27.86 37.91 -13.79
N VAL A 48 -26.95 38.46 -12.99
CA VAL A 48 -26.57 39.85 -13.15
C VAL A 48 -26.01 40.08 -14.56
N VAL A 49 -25.27 39.11 -15.07
CA VAL A 49 -24.65 39.25 -16.39
C VAL A 49 -25.72 39.32 -17.47
N ILE A 50 -26.70 38.40 -17.42
CA ILE A 50 -27.72 38.41 -18.46
C ILE A 50 -28.60 39.64 -18.35
N LEU A 51 -28.69 40.26 -17.17
CA LEU A 51 -29.49 41.48 -17.07
C LEU A 51 -28.80 42.67 -17.74
N LYS A 52 -27.49 42.84 -17.54
CA LYS A 52 -26.73 43.95 -18.11
C LYS A 52 -25.42 43.43 -18.65
N PRO A 53 -25.45 42.62 -19.72
CA PRO A 53 -24.21 42.03 -20.22
C PRO A 53 -23.25 43.02 -20.84
N SER A 54 -23.70 44.24 -21.17
CA SER A 54 -22.81 45.20 -21.79
C SER A 54 -21.67 45.62 -20.86
N ALA A 55 -21.79 45.38 -19.56
CA ALA A 55 -20.76 45.76 -18.60
C ALA A 55 -20.38 44.66 -17.63
N ASN A 56 -21.22 43.66 -17.40
CA ASN A 56 -21.00 42.67 -16.35
C ASN A 56 -20.24 41.44 -16.83
N THR A 57 -19.73 41.45 -18.06
CA THR A 57 -19.00 40.31 -18.61
C THR A 57 -17.50 40.49 -18.47
N HIS A 58 -17.06 41.15 -17.40
CA HIS A 58 -15.64 41.35 -17.16
C HIS A 58 -14.99 40.14 -16.50
N SER A 59 -15.40 39.84 -15.27
CA SER A 59 -14.81 38.73 -14.53
C SER A 59 -15.58 38.51 -13.24
N PHE A 60 -15.71 37.25 -12.85
CA PHE A 60 -16.42 36.91 -11.62
C PHE A 60 -15.54 37.16 -10.39
N GLU A 61 -16.13 37.79 -9.38
CA GLU A 61 -15.42 38.21 -8.18
C GLU A 61 -16.40 38.22 -7.02
N PRO A 62 -16.37 37.22 -6.14
CA PRO A 62 -17.35 37.15 -5.06
C PRO A 62 -17.43 38.42 -4.22
N ASP A 63 -16.30 39.04 -3.91
CA ASP A 63 -16.26 40.16 -2.99
C ASP A 63 -16.77 41.45 -3.60
N ALA A 64 -16.99 41.49 -4.91
CA ALA A 64 -17.57 42.66 -5.56
C ALA A 64 -19.01 42.43 -6.01
N LEU A 65 -19.46 41.18 -6.10
CA LEU A 65 -20.81 40.91 -6.60
C LEU A 65 -21.87 41.61 -5.78
N PRO A 66 -21.84 41.61 -4.44
CA PRO A 66 -22.82 42.43 -3.70
C PRO A 66 -22.79 43.89 -4.11
N ALA A 67 -21.60 44.45 -4.26
CA ALA A 67 -21.49 45.84 -4.67
C ALA A 67 -21.96 46.01 -6.11
N LEU A 68 -21.70 45.02 -6.95
CA LEU A 68 -22.20 45.09 -8.32
C LEU A 68 -23.72 45.10 -8.37
N ILE A 69 -24.36 44.28 -7.53
CA ILE A 69 -25.82 44.28 -7.47
C ILE A 69 -26.33 45.64 -6.97
N MET A 70 -25.68 46.16 -5.93
CA MET A 70 -26.07 47.47 -5.42
C MET A 70 -25.90 48.55 -6.49
N GLN A 71 -24.84 48.46 -7.28
CA GLN A 71 -24.63 49.40 -8.37
C GLN A 71 -25.76 49.26 -9.39
N PHE A 72 -26.04 48.03 -9.82
CA PHE A 72 -27.12 47.80 -10.78
C PHE A 72 -28.40 48.46 -10.29
N LEU A 73 -28.69 48.33 -8.99
CA LEU A 73 -29.82 49.06 -8.43
C LEU A 73 -29.63 50.57 -8.57
N SER A 74 -28.42 51.07 -8.33
CA SER A 74 -28.19 52.50 -8.39
C SER A 74 -28.48 53.05 -9.78
N ASP A 75 -27.98 52.39 -10.82
CA ASP A 75 -28.31 52.81 -12.18
C ASP A 75 -29.81 52.76 -12.40
N PHE A 76 -30.43 51.63 -12.07
CA PHE A 76 -31.88 51.48 -12.13
C PHE A 76 -32.27 50.07 -11.72
N TRP B 4 -1.09 -3.39 16.47
CA TRP B 4 -1.59 -2.04 16.28
C TRP B 4 -2.91 -1.82 16.99
N PRO B 5 -3.25 -0.56 17.26
CA PRO B 5 -4.61 -0.24 17.66
C PRO B 5 -5.55 -0.38 16.47
N LYS B 6 -6.83 -0.53 16.77
CA LYS B 6 -7.83 -0.67 15.72
C LYS B 6 -8.99 0.29 15.94
N TYR B 7 -9.60 0.69 14.83
CA TYR B 7 -10.83 1.49 14.82
C TYR B 7 -11.90 0.60 14.20
N GLY B 8 -12.77 0.06 15.04
CA GLY B 8 -13.85 -0.77 14.55
C GLY B 8 -13.40 -2.00 13.82
N GLY B 9 -12.13 -2.37 13.94
CA GLY B 9 -11.57 -3.50 13.23
C GLY B 9 -10.66 -3.15 12.07
N THR B 10 -10.40 -1.87 11.83
CA THR B 10 -9.43 -1.46 10.82
C THR B 10 -8.16 -0.96 11.51
N ASP B 11 -7.01 -1.46 11.06
CA ASP B 11 -5.75 -1.13 11.69
C ASP B 11 -5.49 0.37 11.64
N VAL B 12 -4.97 0.91 12.74
CA VAL B 12 -4.60 2.32 12.84
C VAL B 12 -3.11 2.37 13.14
N ASN B 13 -2.38 3.15 12.35
CA ASN B 13 -0.96 3.36 12.60
C ASN B 13 -0.67 4.85 12.67
N THR B 14 0.60 5.22 12.81
CA THR B 14 0.94 6.64 12.93
C THR B 14 0.61 7.38 11.65
N ARG B 15 0.71 6.71 10.50
CA ARG B 15 0.42 7.39 9.24
C ARG B 15 -1.07 7.73 9.15
N THR B 16 -1.93 6.91 9.74
CA THR B 16 -3.35 7.23 9.78
C THR B 16 -3.59 8.56 10.47
N VAL B 17 -3.04 8.72 11.68
CA VAL B 17 -3.24 9.95 12.44
C VAL B 17 -2.59 11.12 11.71
N HIS B 18 -1.41 10.90 11.15
CA HIS B 18 -0.74 11.97 10.39
C HIS B 18 -1.62 12.44 9.24
N ASP B 19 -2.18 11.50 8.48
CA ASP B 19 -3.03 11.86 7.36
C ASP B 19 -4.28 12.59 7.83
N LEU B 20 -4.88 12.13 8.94
CA LEU B 20 -6.05 12.82 9.46
C LEU B 20 -5.73 14.25 9.85
N LEU B 21 -4.57 14.48 10.47
CA LEU B 21 -4.21 15.82 10.89
C LEU B 21 -3.90 16.72 9.69
N ASN B 22 -3.23 16.17 8.68
CA ASN B 22 -3.02 16.95 7.47
C ASN B 22 -4.34 17.30 6.81
N THR B 23 -5.28 16.36 6.82
CA THR B 23 -6.61 16.64 6.28
C THR B 23 -7.24 17.78 7.05
N ILE B 24 -7.15 17.77 8.38
CA ILE B 24 -7.76 18.82 9.17
C ILE B 24 -7.16 20.17 8.81
N ASN B 25 -5.83 20.25 8.71
CA ASN B 25 -5.21 21.54 8.43
C ASN B 25 -5.57 22.06 7.03
N THR B 26 -5.53 21.18 6.03
CA THR B 26 -5.88 21.60 4.68
C THR B 26 -7.33 22.07 4.62
N MET B 27 -8.23 21.32 5.25
CA MET B 27 -9.63 21.72 5.27
C MET B 27 -9.82 23.05 5.99
N SER B 28 -9.04 23.28 7.06
CA SER B 28 -9.14 24.54 7.77
C SER B 28 -8.77 25.71 6.87
N ALA B 29 -7.70 25.55 6.09
CA ALA B 29 -7.34 26.61 5.14
C ALA B 29 -8.45 26.81 4.10
N ARG B 30 -9.02 25.71 3.60
CA ARG B 30 -10.10 25.83 2.62
C ARG B 30 -11.29 26.57 3.21
N ILE B 31 -11.64 26.24 4.45
CA ILE B 31 -12.79 26.86 5.11
C ILE B 31 -12.55 28.34 5.32
N LYS B 32 -11.35 28.69 5.77
CA LYS B 32 -11.00 30.10 5.92
C LYS B 32 -11.19 30.85 4.61
N THR B 33 -10.70 30.27 3.52
CA THR B 33 -10.90 30.92 2.22
C THR B 33 -12.38 31.07 1.92
N LEU B 34 -13.17 30.03 2.19
CA LEU B 34 -14.56 30.00 1.72
C LEU B 34 -15.51 30.89 2.53
N GLU B 35 -15.15 31.29 3.75
CA GLU B 35 -16.09 32.09 4.56
C GLU B 35 -16.55 33.37 3.86
N ARG B 36 -15.69 33.98 3.05
CA ARG B 36 -16.07 35.20 2.37
C ARG B 36 -17.28 34.99 1.48
N TYR B 37 -17.46 33.77 0.98
CA TYR B 37 -18.56 33.49 0.08
C TYR B 37 -19.88 33.53 0.83
N GLU B 38 -19.89 32.97 2.04
CA GLU B 38 -21.06 33.07 2.91
C GLU B 38 -21.38 34.52 3.21
N HIS B 39 -20.36 35.31 3.56
CA HIS B 39 -20.64 36.70 3.89
C HIS B 39 -21.26 37.45 2.72
N ALA B 40 -20.69 37.28 1.52
CA ALA B 40 -21.24 37.97 0.35
C ALA B 40 -22.64 37.48 0.01
N LEU B 41 -22.86 36.16 0.10
CA LEU B 41 -24.19 35.63 -0.21
C LEU B 41 -25.24 36.20 0.74
N ARG B 42 -24.90 36.27 2.03
CA ARG B 42 -25.86 36.81 2.98
C ARG B 42 -26.09 38.29 2.76
N GLU B 43 -25.06 39.03 2.36
CA GLU B 43 -25.27 40.43 2.01
C GLU B 43 -26.25 40.58 0.85
N ILE B 44 -26.09 39.75 -0.19
CA ILE B 44 -26.99 39.82 -1.33
C ILE B 44 -28.42 39.46 -0.90
N HIS B 45 -28.54 38.41 -0.09
CA HIS B 45 -29.86 38.04 0.44
C HIS B 45 -30.50 39.22 1.15
N LYS B 46 -29.73 39.93 1.96
CA LYS B 46 -30.32 41.04 2.71
C LYS B 46 -30.67 42.21 1.78
N VAL B 47 -29.90 42.40 0.71
CA VAL B 47 -30.29 43.40 -0.28
C VAL B 47 -31.68 43.09 -0.81
N VAL B 48 -31.88 41.84 -1.22
CA VAL B 48 -33.20 41.44 -1.73
C VAL B 48 -34.28 41.63 -0.67
N VAL B 49 -33.99 41.19 0.55
CA VAL B 49 -35.01 41.25 1.61
C VAL B 49 -35.42 42.69 1.85
N ILE B 50 -34.44 43.59 1.97
CA ILE B 50 -34.74 44.95 2.38
C ILE B 50 -35.44 45.72 1.27
N LEU B 51 -34.93 45.63 0.04
CA LEU B 51 -35.48 46.47 -1.01
C LEU B 51 -36.87 46.01 -1.49
N LYS B 52 -37.14 44.71 -1.46
CA LYS B 52 -38.45 44.17 -1.86
C LYS B 52 -38.85 43.06 -0.89
N PRO B 53 -39.45 43.41 0.25
CA PRO B 53 -39.96 42.37 1.16
C PRO B 53 -41.07 41.57 0.50
N SER B 54 -40.83 40.28 0.31
CA SER B 54 -41.90 39.37 -0.12
C SER B 54 -41.46 37.91 -0.12
N ALA B 55 -42.40 37.01 0.21
CA ALA B 55 -42.23 35.57 0.05
C ALA B 55 -40.91 35.06 0.58
N ASN B 56 -40.06 34.50 -0.28
CA ASN B 56 -38.86 33.80 0.17
C ASN B 56 -37.83 34.74 0.78
N THR B 57 -38.08 36.05 0.76
CA THR B 57 -37.26 36.98 1.52
C THR B 57 -37.39 36.76 3.02
N HIS B 58 -38.38 35.97 3.46
CA HIS B 58 -38.58 35.68 4.87
C HIS B 58 -37.88 34.41 5.32
N SER B 59 -36.96 33.87 4.51
CA SER B 59 -36.20 32.70 4.91
C SER B 59 -34.97 32.58 4.03
N PHE B 60 -33.80 32.50 4.66
CA PHE B 60 -32.55 32.34 3.91
C PHE B 60 -32.54 30.99 3.20
N GLU B 61 -32.19 31.01 1.92
CA GLU B 61 -32.18 29.81 1.11
C GLU B 61 -31.23 30.03 -0.06
N PRO B 62 -30.00 29.51 0.02
CA PRO B 62 -29.02 29.79 -1.04
C PRO B 62 -29.45 29.31 -2.41
N ASP B 63 -30.29 28.28 -2.49
CA ASP B 63 -30.71 27.77 -3.79
C ASP B 63 -31.84 28.58 -4.41
N ALA B 64 -32.54 29.37 -3.60
CA ALA B 64 -33.61 30.24 -4.09
C ALA B 64 -33.13 31.65 -4.40
N LEU B 65 -32.06 32.10 -3.73
CA LEU B 65 -31.61 33.47 -3.87
C LEU B 65 -31.25 33.86 -5.30
N PRO B 66 -30.61 33.02 -6.12
CA PRO B 66 -30.39 33.45 -7.52
C PRO B 66 -31.66 33.78 -8.28
N ALA B 67 -32.72 32.98 -8.08
CA ALA B 67 -34.00 33.31 -8.71
C ALA B 67 -34.62 34.55 -8.07
N LEU B 68 -34.39 34.75 -6.78
CA LEU B 68 -34.83 36.00 -6.15
C LEU B 68 -34.13 37.19 -6.78
N ILE B 69 -32.84 37.06 -7.09
CA ILE B 69 -32.13 38.12 -7.78
C ILE B 69 -32.74 38.34 -9.16
N MET B 70 -33.03 37.26 -9.87
CA MET B 70 -33.63 37.39 -11.19
C MET B 70 -34.90 38.23 -11.11
N GLN B 71 -35.81 37.84 -10.22
CA GLN B 71 -37.06 38.57 -10.03
C GLN B 71 -36.79 40.01 -9.60
N PHE B 72 -35.98 40.17 -8.56
CA PHE B 72 -35.76 41.45 -7.92
C PHE B 72 -35.17 42.46 -8.88
N LEU B 73 -34.12 42.08 -9.60
CA LEU B 73 -33.43 43.00 -10.48
C LEU B 73 -34.18 43.21 -11.79
N SER B 74 -34.94 42.21 -12.25
CA SER B 74 -35.73 42.42 -13.45
C SER B 74 -36.89 43.38 -13.21
N ASP B 75 -37.40 43.46 -11.99
CA ASP B 75 -38.49 44.36 -11.67
C ASP B 75 -38.05 45.82 -11.63
N PHE B 76 -36.75 46.09 -11.69
CA PHE B 76 -36.24 47.45 -11.59
C PHE B 76 -34.85 47.56 -12.21
N ALA C 29 -30.74 -2.13 13.79
CA ALA C 29 -30.48 -0.74 14.12
C ALA C 29 -29.38 -0.16 13.24
N ARG C 30 -29.69 -0.02 11.95
CA ARG C 30 -28.71 0.50 11.01
C ARG C 30 -28.53 2.00 11.18
N PRO C 31 -27.35 2.53 10.89
CA PRO C 31 -27.18 3.98 10.93
C PRO C 31 -28.13 4.67 9.96
N SER C 32 -28.53 5.88 10.33
CA SER C 32 -29.42 6.66 9.47
C SER C 32 -28.73 6.96 8.13
N ALA C 33 -29.54 7.41 7.18
CA ALA C 33 -28.99 7.79 5.88
C ALA C 33 -28.03 8.96 6.00
N GLN C 34 -28.38 9.94 6.85
CA GLN C 34 -27.53 11.11 7.02
C GLN C 34 -26.18 10.72 7.59
N THR C 35 -26.16 9.77 8.53
CA THR C 35 -24.88 9.32 9.09
C THR C 35 -24.01 8.70 8.01
N GLN C 36 -24.60 7.85 7.17
CA GLN C 36 -23.82 7.21 6.12
C GLN C 36 -23.29 8.23 5.13
N MET C 37 -24.11 9.20 4.75
CA MET C 37 -23.65 10.21 3.79
C MET C 37 -22.61 11.14 4.40
N ALA C 38 -22.70 11.40 5.70
CA ALA C 38 -21.63 12.14 6.36
C ALA C 38 -20.33 11.36 6.31
N ALA C 39 -20.41 10.05 6.53
CA ALA C 39 -19.22 9.21 6.37
C ALA C 39 -18.69 9.29 4.95
N VAL C 40 -19.59 9.35 3.97
CA VAL C 40 -19.17 9.44 2.58
C VAL C 40 -18.43 10.74 2.31
N ASP C 41 -18.93 11.85 2.86
CA ASP C 41 -18.23 13.12 2.71
C ASP C 41 -16.84 13.04 3.33
N MET C 42 -16.76 12.46 4.54
CA MET C 42 -15.47 12.26 5.17
C MET C 42 -14.55 11.46 4.26
N LEU C 43 -15.08 10.41 3.65
CA LEU C 43 -14.27 9.54 2.80
C LEU C 43 -13.73 10.31 1.60
N GLN C 44 -14.58 11.12 0.96
CA GLN C 44 -14.12 11.88 -0.18
C GLN C 44 -13.00 12.84 0.21
N THR C 45 -13.18 13.54 1.34
CA THR C 45 -12.13 14.44 1.82
C THR C 45 -10.83 13.69 2.08
N ILE C 46 -10.92 12.57 2.81
CA ILE C 46 -9.73 11.85 3.20
C ILE C 46 -9.02 11.27 1.99
N ASN C 47 -9.77 10.84 0.98
CA ASN C 47 -9.15 10.34 -0.25
C ASN C 47 -8.48 11.47 -1.03
N THR C 48 -9.09 12.66 -1.05
CA THR C 48 -8.42 13.81 -1.63
C THR C 48 -7.10 14.07 -0.92
N ALA C 49 -7.09 13.91 0.41
CA ALA C 49 -5.83 14.00 1.14
C ALA C 49 -4.85 12.89 0.72
N ALA C 50 -5.36 11.67 0.55
CA ALA C 50 -4.54 10.52 0.20
C ALA C 50 -3.92 10.66 -1.18
N SER C 51 -4.43 11.56 -2.01
CA SER C 51 -3.86 11.74 -3.34
C SER C 51 -2.38 12.09 -3.33
N GLN C 52 -1.80 12.43 -2.18
CA GLN C 52 -0.41 12.86 -2.10
C GLN C 52 0.55 11.76 -1.64
N THR C 53 0.13 10.51 -1.65
CA THR C 53 1.03 9.44 -1.23
C THR C 53 2.12 9.19 -2.27
N ALA C 54 3.16 8.48 -1.86
CA ALA C 54 4.24 8.13 -2.79
C ALA C 54 3.72 7.24 -3.90
N ALA C 55 2.83 6.31 -3.57
CA ALA C 55 2.23 5.45 -4.60
C ALA C 55 1.51 6.29 -5.64
N SER C 56 0.71 7.27 -5.18
CA SER C 56 0.08 8.18 -6.11
C SER C 56 1.11 8.94 -6.93
N LEU C 57 2.13 9.48 -6.27
CA LEU C 57 3.16 10.23 -6.99
C LEU C 57 3.72 9.41 -8.14
N LEU C 58 3.98 8.13 -7.88
CA LEU C 58 4.45 7.25 -8.96
C LEU C 58 3.37 7.09 -10.03
N ILE C 59 2.11 6.96 -9.61
CA ILE C 59 1.04 6.64 -10.57
C ILE C 59 0.86 7.79 -11.57
N ASN C 60 0.79 9.02 -11.09
CA ASN C 60 0.52 10.17 -11.95
C ASN C 60 1.77 10.77 -12.57
N ASP C 61 2.89 10.07 -12.55
CA ASP C 61 4.13 10.55 -13.17
C ASP C 61 4.05 10.24 -14.66
N ILE C 62 3.65 11.25 -15.45
CA ILE C 62 3.41 11.05 -16.87
C ILE C 62 4.70 10.88 -17.68
N THR C 63 5.85 11.11 -17.08
CA THR C 63 7.10 11.02 -17.83
C THR C 63 7.30 9.57 -18.29
N PRO C 64 7.80 9.33 -19.51
CA PRO C 64 7.88 7.95 -20.00
C PRO C 64 8.63 7.04 -19.04
N ASN C 65 9.72 7.57 -18.49
CA ASN C 65 10.41 6.97 -17.37
C ASN C 65 10.02 7.74 -16.12
N LYS C 66 9.90 7.06 -14.99
CA LYS C 66 9.41 7.72 -13.79
C LYS C 66 10.50 8.61 -13.21
N THR C 67 10.93 9.60 -13.98
CA THR C 67 12.03 10.46 -13.59
C THR C 67 11.61 11.47 -12.53
N GLU C 68 10.48 12.15 -12.73
CA GLU C 68 10.08 13.18 -11.76
C GLU C 68 9.72 12.57 -10.41
N SER C 69 8.94 11.50 -10.42
CA SER C 69 8.55 10.89 -9.15
C SER C 69 9.77 10.33 -8.43
N LEU C 70 10.72 9.76 -9.17
CA LEU C 70 11.91 9.24 -8.53
C LEU C 70 12.84 10.35 -8.06
N LYS C 71 12.87 11.50 -8.75
CA LYS C 71 13.61 12.63 -8.21
C LYS C 71 13.02 13.08 -6.88
N ILE C 72 11.70 13.14 -6.79
CA ILE C 72 11.08 13.52 -5.53
C ILE C 72 11.38 12.49 -4.46
N LEU C 73 11.26 11.20 -4.81
CA LEU C 73 11.42 10.13 -3.84
C LEU C 73 12.88 9.83 -3.51
N SER C 74 13.84 10.33 -4.28
CA SER C 74 15.24 10.08 -3.99
C SER C 74 15.67 10.76 -2.70
N THR C 75 14.92 11.73 -2.23
CA THR C 75 15.18 12.35 -0.94
C THR C 75 14.65 11.52 0.22
N GLN C 76 13.96 10.41 -0.08
CA GLN C 76 13.34 9.59 0.95
C GLN C 76 13.83 8.14 0.96
N SER C 77 14.44 7.66 -0.12
CA SER C 77 14.80 6.25 -0.21
C SER C 77 16.03 6.09 -1.10
N VAL C 78 16.91 5.16 -0.72
CA VAL C 78 18.11 4.89 -1.53
C VAL C 78 17.73 4.20 -2.83
N GLY C 79 16.79 3.26 -2.77
CA GLY C 79 16.38 2.57 -3.98
C GLY C 79 15.85 3.51 -5.03
N ALA C 80 15.16 4.57 -4.60
CA ALA C 80 14.71 5.59 -5.54
C ALA C 80 15.89 6.19 -6.27
N ARG C 81 17.00 6.46 -5.55
CA ARG C 81 18.19 7.00 -6.21
C ARG C 81 18.78 6.01 -7.19
N SER C 82 18.87 4.74 -6.77
CA SER C 82 19.48 3.72 -7.63
C SER C 82 18.69 3.55 -8.91
N LEU C 83 17.37 3.55 -8.81
CA LEU C 83 16.54 3.50 -10.01
C LEU C 83 16.69 4.79 -10.80
N LEU C 84 16.72 5.92 -10.10
CA LEU C 84 16.70 7.23 -10.75
C LEU C 84 17.88 7.40 -11.70
N GLU C 85 19.08 7.07 -11.24
CA GLU C 85 20.23 7.46 -12.07
C GLU C 85 20.12 6.89 -13.48
N PRO C 86 19.97 5.58 -13.65
CA PRO C 86 19.90 5.04 -15.01
C PRO C 86 18.66 5.45 -15.78
N MET C 87 17.52 5.66 -15.11
CA MET C 87 16.31 6.00 -15.85
C MET C 87 16.41 7.40 -16.45
N GLN C 88 17.10 8.32 -15.77
CA GLN C 88 17.41 9.60 -16.40
C GLN C 88 18.26 9.40 -17.64
N ALA C 89 19.20 8.44 -17.59
CA ALA C 89 20.05 8.19 -18.74
C ALA C 89 19.29 7.61 -19.91
N ASN C 90 18.03 7.21 -19.71
CA ASN C 90 17.22 6.60 -20.76
C ASN C 90 17.94 5.34 -21.23
N ALA C 91 18.28 4.48 -20.28
CA ALA C 91 18.87 3.19 -20.59
C ALA C 91 17.78 2.18 -20.90
N SER C 92 17.98 1.37 -21.95
CA SER C 92 16.99 0.35 -22.27
C SER C 92 16.96 -0.74 -21.21
N THR C 93 18.08 -0.97 -20.53
CA THR C 93 18.16 -1.97 -19.48
C THR C 93 18.97 -1.38 -18.33
N ILE C 94 18.73 -1.93 -17.13
CA ILE C 94 19.36 -1.44 -15.90
C ILE C 94 20.02 -2.63 -15.22
N LYS C 95 21.32 -2.53 -14.97
CA LYS C 95 22.05 -3.55 -14.22
C LYS C 95 21.97 -3.25 -12.74
N LEU C 96 21.48 -4.21 -11.97
CA LEU C 96 21.40 -4.13 -10.52
C LEU C 96 22.21 -5.25 -9.91
N ASN C 97 22.87 -4.96 -8.79
CA ASN C 97 23.56 -5.99 -8.02
C ASN C 97 22.72 -6.33 -6.80
N ARG C 98 23.28 -7.17 -5.93
CA ARG C 98 22.56 -7.62 -4.74
C ARG C 98 22.12 -6.44 -3.87
N ILE C 99 23.05 -5.51 -3.60
CA ILE C 99 22.74 -4.41 -2.70
C ILE C 99 21.71 -3.47 -3.32
N GLU C 100 21.91 -3.11 -4.60
CA GLU C 100 20.95 -2.24 -5.26
C GLU C 100 19.59 -2.90 -5.36
N THR C 101 19.55 -4.21 -5.66
CA THR C 101 18.26 -4.89 -5.74
C THR C 101 17.57 -4.90 -4.38
N VAL C 102 18.32 -5.14 -3.30
CA VAL C 102 17.73 -5.09 -1.96
C VAL C 102 17.15 -3.72 -1.70
N ASN C 103 17.90 -2.67 -2.03
CA ASN C 103 17.42 -1.31 -1.81
C ASN C 103 16.16 -1.02 -2.62
N VAL C 104 16.12 -1.47 -3.88
CA VAL C 104 14.94 -1.23 -4.71
C VAL C 104 13.74 -1.97 -4.14
N LEU C 105 13.95 -3.21 -3.70
CA LEU C 105 12.84 -3.97 -3.14
C LEU C 105 12.32 -3.31 -1.87
N ASP C 106 13.23 -2.80 -1.04
CA ASP C 106 12.81 -2.07 0.16
C ASP C 106 12.06 -0.80 -0.22
N PHE C 107 12.50 -0.12 -1.28
CA PHE C 107 11.79 1.06 -1.76
C PHE C 107 10.35 0.71 -2.12
N LEU C 108 10.16 -0.36 -2.88
CA LEU C 108 8.79 -0.75 -3.25
C LEU C 108 8.00 -1.19 -2.03
N GLY C 109 8.64 -1.88 -1.08
CA GLY C 109 7.95 -2.22 0.15
C GLY C 109 7.46 -0.99 0.89
N SER C 110 8.30 0.05 0.94
CA SER C 110 7.88 1.29 1.57
C SER C 110 6.75 1.95 0.80
N VAL C 111 6.80 1.91 -0.53
CA VAL C 111 5.72 2.46 -1.33
C VAL C 111 4.41 1.76 -0.98
N TYR C 112 4.47 0.45 -0.78
CA TYR C 112 3.26 -0.28 -0.41
C TYR C 112 2.79 0.09 1.00
N ASP C 113 3.72 0.06 1.96
CA ASP C 113 3.37 0.36 3.34
C ASP C 113 3.00 1.83 3.54
N ASN C 114 3.29 2.68 2.56
CA ASN C 114 3.01 4.11 2.67
C ASN C 114 3.80 4.72 3.82
N THR C 115 5.07 4.32 3.95
CA THR C 115 5.94 4.89 4.96
C THR C 115 6.74 6.07 4.44
N ILE C 116 6.80 6.25 3.13
CA ILE C 116 7.44 7.43 2.55
C ILE C 116 6.48 8.61 2.71
N GLN C 117 7.00 9.71 3.25
CA GLN C 117 6.22 10.93 3.44
C GLN C 117 6.70 11.96 2.42
N VAL C 118 5.94 12.12 1.35
CA VAL C 118 6.27 13.10 0.32
C VAL C 118 5.92 14.48 0.84
N ILE C 119 6.90 15.39 0.81
CA ILE C 119 6.71 16.73 1.35
C ILE C 119 6.52 17.72 0.21
N ALA D 3 23.39 -13.28 0.47
CA ALA D 3 22.26 -13.72 -0.34
C ALA D 3 21.01 -13.89 0.53
N ILE D 4 21.22 -14.18 1.81
CA ILE D 4 20.09 -14.39 2.72
C ILE D 4 19.25 -13.13 2.81
N ALA D 5 19.90 -11.96 2.90
CA ALA D 5 19.15 -10.71 3.01
C ALA D 5 18.27 -10.48 1.79
N LEU D 6 18.81 -10.74 0.60
CA LEU D 6 18.01 -10.59 -0.62
C LEU D 6 16.82 -11.52 -0.62
N TYR D 7 17.05 -12.79 -0.28
CA TYR D 7 15.96 -13.75 -0.23
C TYR D 7 14.86 -13.29 0.71
N LEU D 8 15.24 -12.88 1.92
CA LEU D 8 14.22 -12.50 2.90
C LEU D 8 13.50 -11.23 2.49
N GLU D 9 14.20 -10.29 1.86
CA GLU D 9 13.53 -9.06 1.44
C GLU D 9 12.56 -9.36 0.30
N ILE D 10 12.95 -10.27 -0.61
CA ILE D 10 12.02 -10.74 -1.63
C ILE D 10 10.78 -11.33 -0.96
N ASN D 11 10.98 -12.13 0.08
CA ASN D 11 9.85 -12.73 0.76
C ASN D 11 8.93 -11.66 1.35
N LYS D 12 9.51 -10.62 1.94
CA LYS D 12 8.72 -9.54 2.53
C LYS D 12 7.88 -8.84 1.45
N LEU D 13 8.53 -8.40 0.38
CA LEU D 13 7.79 -7.72 -0.69
C LEU D 13 6.79 -8.68 -1.34
N ARG D 14 7.10 -9.98 -1.34
CA ARG D 14 6.15 -10.98 -1.81
C ARG D 14 4.88 -10.96 -0.99
N LEU D 15 5.03 -11.07 0.33
CA LEU D 15 3.85 -11.05 1.20
C LEU D 15 3.06 -9.77 0.97
N LYS D 16 3.74 -8.67 0.71
CA LYS D 16 3.00 -7.42 0.54
C LYS D 16 2.32 -7.30 -0.82
N ILE D 17 2.94 -7.80 -1.89
CA ILE D 17 2.52 -7.49 -3.26
C ILE D 17 2.00 -8.71 -3.99
N ASP D 18 2.68 -9.86 -3.88
CA ASP D 18 2.34 -11.02 -4.72
C ASP D 18 2.60 -12.29 -3.92
N GLU D 19 1.56 -12.77 -3.23
CA GLU D 19 1.64 -14.02 -2.48
C GLU D 19 2.05 -15.21 -3.33
N PRO D 20 1.44 -15.46 -4.50
CA PRO D 20 1.86 -16.59 -5.33
C PRO D 20 3.10 -16.35 -6.18
N MET D 21 3.71 -15.18 -6.13
CA MET D 21 4.90 -14.88 -6.91
C MET D 21 4.69 -15.20 -8.39
N GLN D 22 3.75 -14.50 -8.99
CA GLN D 22 3.46 -14.66 -10.42
C GLN D 22 4.05 -13.55 -11.28
N LEU D 23 4.53 -12.46 -10.69
CA LEU D 23 5.18 -11.41 -11.47
C LEU D 23 6.46 -11.93 -12.09
N ALA D 24 6.75 -11.48 -13.32
CA ALA D 24 7.92 -11.95 -14.03
C ALA D 24 9.22 -11.53 -13.34
N ILE D 25 9.18 -10.50 -12.50
CA ILE D 25 10.40 -9.96 -11.93
C ILE D 25 11.08 -10.95 -10.99
N TRP D 26 10.31 -11.86 -10.39
CA TRP D 26 10.88 -12.70 -9.33
C TRP D 26 11.96 -13.62 -9.86
N PRO D 27 11.72 -14.42 -10.92
CA PRO D 27 12.79 -15.27 -11.44
C PRO D 27 13.91 -14.50 -12.10
N GLN D 28 13.66 -13.25 -12.50
CA GLN D 28 14.71 -12.42 -13.05
C GLN D 28 15.63 -11.89 -11.96
N LEU D 29 15.09 -11.69 -10.75
CA LEU D 29 15.92 -11.30 -9.61
C LEU D 29 16.56 -12.49 -8.92
N PHE D 30 16.01 -13.69 -9.10
CA PHE D 30 16.57 -14.85 -8.42
C PHE D 30 18.07 -15.03 -8.67
N PRO D 31 18.61 -14.79 -9.87
CA PRO D 31 20.04 -15.02 -10.08
C PRO D 31 20.94 -14.34 -9.07
N LEU D 32 20.54 -13.21 -8.49
CA LEU D 32 21.39 -12.53 -7.53
C LEU D 32 21.63 -13.35 -6.27
N LEU D 33 20.88 -14.43 -6.05
CA LEU D 33 21.13 -15.29 -4.90
C LEU D 33 22.40 -16.13 -5.07
N CYS D 34 22.93 -16.21 -6.28
CA CYS D 34 24.17 -16.95 -6.56
C CYS D 34 25.33 -15.97 -6.61
N ASP D 35 26.38 -16.25 -5.83
CA ASP D 35 27.52 -15.30 -5.77
C ASP D 35 28.03 -15.02 -7.19
N GLU D 36 28.09 -16.05 -8.04
CA GLU D 36 28.68 -15.85 -9.36
C GLU D 36 27.94 -14.77 -10.14
N HIS D 37 26.62 -14.68 -9.95
CA HIS D 37 25.81 -13.68 -10.66
C HIS D 37 25.81 -12.37 -9.86
N GLN D 38 26.93 -11.66 -9.95
CA GLN D 38 27.08 -10.42 -9.19
C GLN D 38 26.06 -9.38 -9.62
N SER D 39 25.67 -9.38 -10.90
CA SER D 39 24.72 -8.39 -11.39
C SER D 39 23.82 -9.03 -12.43
N VAL D 40 22.65 -8.44 -12.59
CA VAL D 40 21.64 -8.90 -13.54
C VAL D 40 21.18 -7.73 -14.39
N GLN D 41 21.17 -7.92 -15.71
CA GLN D 41 20.65 -6.92 -16.63
C GLN D 41 19.14 -7.09 -16.76
N LEU D 42 18.38 -6.11 -16.29
CA LEU D 42 16.93 -6.10 -16.36
C LEU D 42 16.46 -5.05 -17.33
N ASN D 43 15.35 -5.35 -18.00
CA ASN D 43 14.76 -4.41 -18.95
C ASN D 43 14.08 -3.28 -18.19
N THR D 44 14.40 -2.04 -18.59
CA THR D 44 13.84 -0.88 -17.89
C THR D 44 12.32 -0.94 -17.84
N ASP D 45 11.70 -1.36 -18.94
CA ASP D 45 10.24 -1.42 -18.98
C ASP D 45 9.69 -2.40 -17.94
N VAL D 46 10.38 -3.53 -17.74
CA VAL D 46 9.91 -4.50 -16.75
C VAL D 46 9.95 -3.91 -15.35
N LEU D 47 11.05 -3.22 -15.02
CA LEU D 47 11.15 -2.62 -13.70
C LEU D 47 10.10 -1.53 -13.50
N ILE D 48 9.85 -0.73 -14.53
CA ILE D 48 8.82 0.29 -14.44
C ILE D 48 7.46 -0.34 -14.23
N ASN D 49 7.16 -1.41 -14.96
CA ASN D 49 5.87 -2.06 -14.81
C ASN D 49 5.73 -2.67 -13.42
N PHE D 50 6.80 -3.24 -12.87
CA PHE D 50 6.74 -3.76 -11.51
C PHE D 50 6.48 -2.63 -10.51
N MET D 51 7.17 -1.50 -10.70
CA MET D 51 6.92 -0.34 -9.84
C MET D 51 5.46 0.08 -9.92
N MET D 52 4.90 0.13 -11.13
CA MET D 52 3.51 0.56 -11.29
C MET D 52 2.54 -0.43 -10.68
N HIS D 53 2.82 -1.72 -10.81
CA HIS D 53 2.00 -2.72 -10.12
C HIS D 53 1.98 -2.46 -8.63
N VAL D 54 3.17 -2.28 -8.04
CA VAL D 54 3.24 -2.02 -6.61
C VAL D 54 2.49 -0.74 -6.26
N ALA D 55 2.68 0.31 -7.07
CA ALA D 55 2.09 1.61 -6.76
C ALA D 55 0.57 1.56 -6.83
N ARG D 56 0.03 0.96 -7.89
CA ARG D 56 -1.42 0.92 -8.05
C ARG D 56 -2.06 0.05 -6.99
N LYS D 57 -1.46 -1.09 -6.70
CA LYS D 57 -1.99 -1.94 -5.62
C LYS D 57 -1.96 -1.19 -4.30
N SER D 58 -0.87 -0.47 -4.03
CA SER D 58 -0.74 0.27 -2.78
C SER D 58 -1.81 1.35 -2.66
N GLN D 59 -1.99 2.13 -3.73
CA GLN D 59 -2.96 3.21 -3.68
C GLN D 59 -4.37 2.67 -3.51
N ASN D 60 -4.68 1.56 -4.18
CA ASN D 60 -5.99 0.95 -4.01
C ASN D 60 -6.19 0.50 -2.57
N THR D 61 -5.15 -0.10 -1.98
CA THR D 61 -5.25 -0.54 -0.59
C THR D 61 -5.46 0.65 0.35
N ILE D 62 -4.74 1.75 0.11
CA ILE D 62 -4.89 2.93 0.96
C ILE D 62 -6.31 3.47 0.87
N LEU D 63 -6.82 3.62 -0.35
CA LEU D 63 -8.16 4.17 -0.51
C LEU D 63 -9.20 3.24 0.10
N ASN D 64 -9.02 1.93 -0.03
CA ASN D 64 -9.96 0.99 0.55
C ASN D 64 -9.91 1.01 2.07
N ASN D 65 -8.73 1.19 2.66
CA ASN D 65 -8.66 1.34 4.11
C ASN D 65 -9.40 2.60 4.55
N ASN D 66 -9.27 3.68 3.78
CA ASN D 66 -10.03 4.90 4.10
C ASN D 66 -11.53 4.64 4.03
N ALA D 67 -11.97 3.89 3.01
CA ALA D 67 -13.38 3.57 2.91
C ALA D 67 -13.85 2.73 4.09
N ALA D 68 -13.04 1.77 4.52
CA ALA D 68 -13.39 0.95 5.68
C ALA D 68 -13.52 1.82 6.92
N ILE D 69 -12.59 2.75 7.11
CA ILE D 69 -12.65 3.64 8.27
C ILE D 69 -13.93 4.47 8.22
N ALA D 70 -14.28 5.00 7.04
CA ALA D 70 -15.50 5.79 6.93
C ALA D 70 -16.73 4.94 7.25
N SER D 71 -16.78 3.71 6.74
CA SER D 71 -17.92 2.85 7.02
C SER D 71 -18.04 2.56 8.51
N GLN D 72 -16.91 2.29 9.16
CA GLN D 72 -16.94 2.01 10.59
C GLN D 72 -17.35 3.25 11.37
N TYR D 73 -16.93 4.43 10.93
CA TYR D 73 -17.37 5.66 11.58
C TYR D 73 -18.88 5.80 11.48
N ALA D 74 -19.44 5.53 10.30
CA ALA D 74 -20.89 5.53 10.17
C ALA D 74 -21.51 4.52 11.12
N ALA D 75 -20.87 3.36 11.29
CA ALA D 75 -21.40 2.36 12.20
C ALA D 75 -21.46 2.88 13.64
N GLY D 76 -20.50 3.71 14.03
CA GLY D 76 -20.49 4.27 15.38
C GLY D 76 -19.71 3.43 16.36
N ASN D 77 -20.13 2.17 16.53
CA ASN D 77 -19.49 1.27 17.49
C ASN D 77 -18.16 0.81 16.90
N ALA D 78 -17.15 1.64 17.08
CA ALA D 78 -15.81 1.35 16.55
C ALA D 78 -14.75 1.61 17.62
N ALA E 54 5.45 -42.77 18.58
CA ALA E 54 6.72 -42.61 17.87
C ALA E 54 6.63 -41.43 16.90
N ALA E 55 7.70 -41.20 16.16
CA ALA E 55 7.76 -40.13 15.17
C ALA E 55 8.82 -40.48 14.14
N SER E 56 8.61 -40.02 12.91
CA SER E 56 9.55 -40.34 11.85
C SER E 56 10.94 -39.82 12.16
N LEU E 57 11.03 -38.59 12.67
CA LEU E 57 12.32 -38.01 12.99
C LEU E 57 12.92 -38.60 14.25
N LEU E 58 12.10 -39.11 15.17
CA LEU E 58 12.64 -39.90 16.26
C LEU E 58 13.33 -41.15 15.72
N ILE E 59 12.69 -41.83 14.78
CA ILE E 59 13.32 -42.98 14.15
C ILE E 59 14.62 -42.56 13.46
N ASN E 60 14.60 -41.40 12.80
CA ASN E 60 15.82 -40.89 12.17
C ASN E 60 16.93 -40.72 13.20
N ASP E 61 16.59 -40.16 14.37
CA ASP E 61 17.61 -39.94 15.39
C ASP E 61 18.18 -41.26 15.91
N ILE E 62 17.30 -42.20 16.28
CA ILE E 62 17.79 -43.42 16.91
C ILE E 62 18.49 -44.35 15.92
N THR E 63 18.32 -44.15 14.63
CA THR E 63 18.97 -45.03 13.66
C THR E 63 20.48 -44.95 13.84
N PRO E 64 21.16 -46.06 14.12
CA PRO E 64 22.61 -45.99 14.38
C PRO E 64 23.45 -45.92 13.12
N ASN E 65 22.90 -46.25 11.96
CA ASN E 65 23.69 -46.28 10.73
C ASN E 65 24.20 -44.88 10.40
N LYS E 66 25.46 -44.80 9.95
CA LYS E 66 26.04 -43.51 9.57
C LYS E 66 25.17 -42.81 8.53
N THR E 67 24.77 -43.53 7.49
CA THR E 67 23.92 -42.96 6.46
C THR E 67 22.45 -42.96 6.86
N GLU E 68 22.08 -43.74 7.87
CA GLU E 68 20.69 -43.86 8.31
C GLU E 68 19.81 -44.39 7.19
N SER E 69 20.39 -45.20 6.30
CA SER E 69 19.63 -45.74 5.19
C SER E 69 18.50 -46.66 5.66
N LEU E 70 18.58 -47.18 6.87
CA LEU E 70 17.49 -47.99 7.41
C LEU E 70 16.21 -47.15 7.53
N LYS E 71 16.28 -46.02 8.22
CA LYS E 71 15.12 -45.15 8.33
C LYS E 71 14.75 -44.55 6.99
N ILE E 72 15.75 -44.21 6.18
CA ILE E 72 15.46 -43.62 4.87
C ILE E 72 14.65 -44.59 4.03
N LEU E 73 15.02 -45.87 4.07
CA LEU E 73 14.24 -46.89 3.38
C LEU E 73 12.83 -46.97 3.97
N SER E 74 12.74 -47.10 5.29
CA SER E 74 11.44 -47.31 5.92
C SER E 74 10.48 -46.17 5.64
N THR E 75 10.99 -44.94 5.49
CA THR E 75 10.15 -43.79 5.24
C THR E 75 9.96 -43.49 3.77
N GLN E 76 10.87 -43.93 2.90
CA GLN E 76 10.70 -43.70 1.47
C GLN E 76 9.53 -44.49 0.91
N SER E 77 9.13 -45.57 1.58
CA SER E 77 7.97 -46.33 1.12
C SER E 77 6.70 -45.50 1.18
N VAL E 78 6.71 -44.39 1.92
CA VAL E 78 5.56 -43.50 2.03
C VAL E 78 5.90 -42.06 1.67
N GLY E 79 7.16 -41.75 1.40
CA GLY E 79 7.58 -40.41 1.04
C GLY E 79 8.52 -40.41 -0.14
N ALA E 80 8.34 -39.45 -1.06
CA ALA E 80 9.12 -39.41 -2.28
C ALA E 80 10.54 -38.89 -2.04
N ARG E 81 11.46 -39.80 -1.70
CA ARG E 81 12.87 -39.46 -1.45
C ARG E 81 13.77 -40.37 -2.29
N SER E 82 14.35 -39.81 -3.35
CA SER E 82 15.42 -40.54 -4.04
C SER E 82 16.64 -40.70 -3.15
N LEU E 83 16.72 -39.91 -2.08
CA LEU E 83 17.80 -39.98 -1.09
C LEU E 83 18.24 -41.42 -0.85
N LEU E 84 17.27 -42.32 -0.75
CA LEU E 84 17.56 -43.70 -0.38
C LEU E 84 18.73 -44.26 -1.19
N GLU E 85 18.72 -44.06 -2.52
CA GLU E 85 19.74 -44.71 -3.34
C GLU E 85 21.13 -44.15 -3.07
N PRO E 86 21.38 -42.84 -3.18
CA PRO E 86 22.73 -42.35 -2.85
C PRO E 86 23.20 -42.74 -1.48
N MET E 87 22.32 -42.71 -0.48
CA MET E 87 22.75 -42.96 0.89
C MET E 87 23.01 -44.44 1.14
N GLN E 88 22.19 -45.31 0.55
CA GLN E 88 22.47 -46.75 0.62
C GLN E 88 23.75 -47.10 -0.13
N ALA E 89 24.04 -46.37 -1.21
CA ALA E 89 25.25 -46.60 -1.98
C ALA E 89 26.50 -46.07 -1.30
N ASN E 90 26.36 -45.39 -0.16
CA ASN E 90 27.49 -44.82 0.57
C ASN E 90 28.24 -43.81 -0.29
N ALA E 91 27.49 -43.04 -1.07
CA ALA E 91 28.08 -41.98 -1.86
C ALA E 91 28.58 -40.85 -0.96
N SER E 92 29.61 -40.15 -1.42
CA SER E 92 30.13 -39.01 -0.68
C SER E 92 29.28 -37.77 -0.88
N THR E 93 28.63 -37.63 -2.03
CA THR E 93 27.85 -36.46 -2.36
C THR E 93 26.56 -36.88 -3.06
N ILE E 94 25.60 -35.96 -3.10
CA ILE E 94 24.30 -36.22 -3.73
C ILE E 94 24.02 -35.11 -4.73
N LYS E 95 23.73 -35.51 -5.97
CA LYS E 95 23.31 -34.57 -7.01
C LYS E 95 21.82 -34.30 -6.84
N LEU E 96 21.48 -33.06 -6.49
CA LEU E 96 20.10 -32.65 -6.25
C LEU E 96 19.69 -31.61 -7.28
N ASN E 97 18.64 -31.90 -8.03
CA ASN E 97 18.07 -30.94 -8.96
C ASN E 97 16.92 -30.20 -8.30
N ARG E 98 16.30 -29.28 -9.05
CA ARG E 98 15.21 -28.49 -8.51
C ARG E 98 14.07 -29.37 -8.00
N ILE E 99 13.64 -30.34 -8.82
CA ILE E 99 12.45 -31.11 -8.49
C ILE E 99 12.70 -31.94 -7.24
N GLU E 100 13.81 -32.68 -7.23
CA GLU E 100 14.13 -33.50 -6.06
C GLU E 100 14.30 -32.64 -4.83
N THR E 101 14.89 -31.44 -4.99
CA THR E 101 15.04 -30.54 -3.85
C THR E 101 13.68 -30.15 -3.29
N VAL E 102 12.71 -29.90 -4.17
CA VAL E 102 11.36 -29.60 -3.70
C VAL E 102 10.81 -30.75 -2.88
N ASN E 103 11.00 -31.98 -3.36
CA ASN E 103 10.54 -33.11 -2.56
C ASN E 103 11.28 -33.21 -1.23
N VAL E 104 12.58 -32.93 -1.21
CA VAL E 104 13.31 -32.96 0.06
C VAL E 104 12.70 -31.96 1.04
N LEU E 105 12.44 -30.74 0.57
CA LEU E 105 11.92 -29.73 1.47
C LEU E 105 10.55 -30.12 1.99
N ASP E 106 9.68 -30.62 1.11
CA ASP E 106 8.35 -31.02 1.54
C ASP E 106 8.44 -32.18 2.53
N PHE E 107 9.30 -33.16 2.25
CA PHE E 107 9.49 -34.29 3.14
C PHE E 107 9.93 -33.82 4.51
N LEU E 108 10.94 -32.95 4.56
CA LEU E 108 11.45 -32.51 5.85
C LEU E 108 10.38 -31.78 6.63
N GLY E 109 9.60 -30.93 5.96
CA GLY E 109 8.51 -30.27 6.67
C GLY E 109 7.49 -31.26 7.23
N SER E 110 7.08 -32.21 6.40
CA SER E 110 6.07 -33.17 6.83
C SER E 110 6.56 -34.02 7.99
N VAL E 111 7.83 -34.44 7.94
CA VAL E 111 8.36 -35.24 9.04
C VAL E 111 8.57 -34.37 10.27
N TYR E 112 8.84 -33.08 10.09
CA TYR E 112 8.88 -32.18 11.22
C TYR E 112 7.54 -32.16 11.93
N ASP E 113 6.45 -32.08 11.18
CA ASP E 113 5.13 -32.11 11.83
C ASP E 113 4.69 -33.52 12.20
N ASN E 114 4.33 -34.34 11.21
CA ASN E 114 3.84 -35.68 11.51
C ASN E 114 3.73 -36.58 10.28
N THR E 115 4.55 -37.62 10.18
CA THR E 115 4.36 -38.67 9.16
C THR E 115 4.49 -40.05 9.79
N ILE E 116 3.82 -40.27 10.91
CA ILE E 116 3.92 -41.54 11.62
C ILE E 116 3.22 -42.64 10.81
N GLN E 117 3.93 -43.74 10.58
CA GLN E 117 3.33 -44.90 9.92
C GLN E 117 3.16 -46.06 10.90
N SER F 2 9.92 -25.43 -11.54
CA SER F 2 9.44 -24.09 -11.21
C SER F 2 10.25 -23.47 -10.09
N ALA F 3 11.08 -22.48 -10.45
CA ALA F 3 11.90 -21.82 -9.43
C ALA F 3 11.03 -21.20 -8.34
N ILE F 4 9.87 -20.68 -8.74
CA ILE F 4 8.97 -20.08 -7.76
C ILE F 4 8.55 -21.10 -6.73
N ALA F 5 8.24 -22.32 -7.17
CA ALA F 5 7.85 -23.37 -6.24
C ALA F 5 8.98 -23.71 -5.28
N LEU F 6 10.21 -23.82 -5.79
CA LEU F 6 11.33 -24.13 -4.92
C LEU F 6 11.50 -23.05 -3.87
N TYR F 7 11.40 -21.78 -4.30
CA TYR F 7 11.52 -20.67 -3.35
C TYR F 7 10.44 -20.75 -2.28
N LEU F 8 9.19 -20.98 -2.69
CA LEU F 8 8.11 -21.01 -1.72
C LEU F 8 8.26 -22.17 -0.75
N GLU F 9 8.74 -23.32 -1.24
CA GLU F 9 8.99 -24.44 -0.33
C GLU F 9 10.13 -24.14 0.62
N ILE F 10 11.18 -23.45 0.14
CA ILE F 10 12.25 -23.03 1.03
C ILE F 10 11.69 -22.15 2.14
N ASN F 11 10.83 -21.20 1.79
CA ASN F 11 10.23 -20.35 2.80
C ASN F 11 9.38 -21.15 3.78
N LYS F 12 8.62 -22.11 3.26
CA LYS F 12 7.78 -22.93 4.13
C LYS F 12 8.61 -23.69 5.15
N LEU F 13 9.68 -24.34 4.70
CA LEU F 13 10.55 -25.05 5.64
C LEU F 13 11.25 -24.07 6.57
N ARG F 14 11.66 -22.92 6.03
CA ARG F 14 12.30 -21.89 6.83
C ARG F 14 11.46 -21.53 8.04
N LEU F 15 10.17 -21.31 7.84
CA LEU F 15 9.32 -20.84 8.92
C LEU F 15 9.34 -21.78 10.12
N LYS F 16 9.69 -23.05 9.92
CA LYS F 16 9.66 -24.04 10.99
C LYS F 16 11.03 -24.50 11.46
N ILE F 17 12.06 -24.47 10.61
CA ILE F 17 13.39 -24.95 10.96
C ILE F 17 14.32 -23.81 11.32
N ASP F 18 14.38 -22.76 10.48
CA ASP F 18 15.36 -21.70 10.63
C ASP F 18 14.72 -20.39 10.16
N GLU F 19 14.16 -19.64 11.10
CA GLU F 19 13.56 -18.35 10.76
C GLU F 19 14.60 -17.43 10.11
N PRO F 20 15.75 -17.18 10.73
CA PRO F 20 16.70 -16.23 10.15
C PRO F 20 17.54 -16.76 9.00
N MET F 21 17.41 -18.04 8.63
CA MET F 21 18.20 -18.64 7.55
C MET F 21 19.70 -18.43 7.78
N GLN F 22 20.18 -19.02 8.86
CA GLN F 22 21.60 -18.99 9.16
C GLN F 22 22.32 -20.28 8.78
N LEU F 23 21.60 -21.33 8.42
CA LEU F 23 22.24 -22.56 7.98
C LEU F 23 22.86 -22.37 6.60
N ALA F 24 24.05 -22.96 6.40
CA ALA F 24 24.72 -22.86 5.11
C ALA F 24 23.93 -23.53 3.99
N ILE F 25 23.06 -24.47 4.33
CA ILE F 25 22.37 -25.22 3.29
C ILE F 25 21.49 -24.30 2.46
N TRP F 26 21.03 -23.18 3.02
CA TRP F 26 20.18 -22.30 2.21
C TRP F 26 21.00 -21.65 1.10
N PRO F 27 22.17 -21.06 1.37
CA PRO F 27 23.06 -20.66 0.26
C PRO F 27 23.44 -21.81 -0.66
N GLN F 28 23.65 -23.01 -0.13
CA GLN F 28 24.01 -24.12 -1.00
C GLN F 28 22.88 -24.44 -1.98
N LEU F 29 21.63 -24.34 -1.52
CA LEU F 29 20.49 -24.63 -2.38
C LEU F 29 20.12 -23.48 -3.30
N PHE F 30 20.51 -22.25 -2.97
CA PHE F 30 20.08 -21.12 -3.78
C PHE F 30 20.36 -21.26 -5.28
N PRO F 31 21.49 -21.79 -5.73
CA PRO F 31 21.76 -21.80 -7.19
C PRO F 31 20.63 -22.40 -8.00
N LEU F 32 19.85 -23.32 -7.43
CA LEU F 32 18.75 -23.94 -8.16
C LEU F 32 17.70 -22.93 -8.57
N LEU F 33 17.62 -21.80 -7.86
CA LEU F 33 16.67 -20.75 -8.21
C LEU F 33 17.19 -19.83 -9.30
N CYS F 34 18.44 -19.99 -9.73
CA CYS F 34 19.09 -19.02 -10.59
C CYS F 34 19.10 -19.43 -12.06
N ASP F 35 19.65 -20.61 -12.37
CA ASP F 35 19.80 -21.07 -13.74
C ASP F 35 18.99 -22.33 -13.96
N GLU F 36 18.55 -22.54 -15.19
CA GLU F 36 17.73 -23.68 -15.54
C GLU F 36 18.60 -24.85 -16.00
N HIS F 37 18.06 -26.05 -15.87
CA HIS F 37 18.69 -27.26 -16.39
C HIS F 37 20.04 -27.53 -15.72
N GLN F 38 20.05 -27.51 -14.39
CA GLN F 38 21.26 -27.81 -13.65
C GLN F 38 20.90 -28.44 -12.31
N SER F 39 21.93 -28.76 -11.53
CA SER F 39 21.76 -29.38 -10.22
C SER F 39 22.91 -28.94 -9.32
N VAL F 40 22.74 -29.16 -8.02
CA VAL F 40 23.72 -28.77 -7.02
C VAL F 40 24.21 -30.03 -6.32
N GLN F 41 25.53 -30.26 -6.37
CA GLN F 41 26.14 -31.42 -5.73
C GLN F 41 26.53 -31.06 -4.31
N LEU F 42 25.92 -31.72 -3.34
CA LEU F 42 26.13 -31.44 -1.93
C LEU F 42 26.69 -32.68 -1.24
N ASN F 43 27.40 -32.44 -0.13
CA ASN F 43 27.98 -33.55 0.62
C ASN F 43 26.90 -34.31 1.38
N THR F 44 27.02 -35.64 1.42
CA THR F 44 26.10 -36.42 2.23
C THR F 44 26.22 -36.07 3.70
N ASP F 45 27.41 -35.66 4.14
CA ASP F 45 27.54 -35.18 5.51
C ASP F 45 26.66 -33.97 5.74
N VAL F 46 26.70 -33.00 4.82
CA VAL F 46 25.92 -31.77 5.00
C VAL F 46 24.43 -32.09 5.01
N LEU F 47 23.97 -32.92 4.05
CA LEU F 47 22.54 -33.19 3.94
C LEU F 47 22.03 -34.00 5.13
N ILE F 48 22.78 -35.01 5.56
CA ILE F 48 22.34 -35.78 6.72
C ILE F 48 22.42 -34.94 7.99
N ASN F 49 23.39 -34.03 8.08
CA ASN F 49 23.44 -33.14 9.24
C ASN F 49 22.24 -32.21 9.26
N PHE F 50 21.84 -31.70 8.10
CA PHE F 50 20.62 -30.90 8.02
C PHE F 50 19.40 -31.71 8.42
N MET F 51 19.36 -32.98 7.99
CA MET F 51 18.21 -33.81 8.34
C MET F 51 18.15 -34.02 9.85
N MET F 52 19.28 -34.31 10.48
CA MET F 52 19.27 -34.40 11.94
C MET F 52 18.95 -33.06 12.58
N HIS F 53 19.29 -31.94 11.94
CA HIS F 53 18.91 -30.64 12.49
C HIS F 53 17.39 -30.49 12.49
N VAL F 54 16.74 -30.86 11.39
CA VAL F 54 15.28 -30.90 11.38
C VAL F 54 14.77 -31.85 12.45
N ALA F 55 15.45 -32.98 12.62
CA ALA F 55 15.04 -33.94 13.64
C ALA F 55 15.10 -33.32 15.02
N ARG F 56 16.17 -32.58 15.32
CA ARG F 56 16.30 -31.96 16.62
C ARG F 56 15.26 -30.87 16.83
N LYS F 57 14.99 -30.08 15.78
CA LYS F 57 13.95 -29.06 15.90
C LYS F 57 12.60 -29.72 16.18
N SER F 58 12.30 -30.80 15.45
CA SER F 58 11.06 -31.53 15.67
C SER F 58 11.02 -32.13 17.06
N GLN F 59 12.15 -32.64 17.55
CA GLN F 59 12.19 -33.19 18.90
C GLN F 59 11.90 -32.12 19.94
N ASN F 60 12.46 -30.92 19.74
CA ASN F 60 12.14 -29.82 20.65
C ASN F 60 10.65 -29.49 20.60
N THR F 61 10.06 -29.50 19.41
CA THR F 61 8.63 -29.29 19.30
C THR F 61 7.85 -30.40 20.00
N ILE F 62 8.30 -31.64 19.84
CA ILE F 62 7.64 -32.79 20.46
C ILE F 62 7.65 -32.63 21.97
N LEU F 63 8.79 -32.23 22.53
CA LEU F 63 8.88 -32.02 23.97
C LEU F 63 7.90 -30.93 24.40
N ASN F 64 7.70 -29.93 23.56
CA ASN F 64 6.79 -28.83 23.85
C ASN F 64 5.38 -29.18 23.35
#